data_3HTV
#
_entry.id   3HTV
#
_cell.length_a   46.716
_cell.length_b   101.394
_cell.length_c   131.465
_cell.angle_alpha   90.000
_cell.angle_beta   90.000
_cell.angle_gamma   90.000
#
_symmetry.space_group_name_H-M   'C 2 2 21'
#
loop_
_entity.id
_entity.type
_entity.pdbx_description
1 polymer 'D-allose kinase'
2 water water
#
_entity_poly.entity_id   1
_entity_poly.type   'polypeptide(L)'
_entity_poly.pdbx_seq_one_letter_code
;G(MSE)QKQHNVVAGVD(MSE)GATHIRFCLRTAEGETLHCEKKRTAEVIAPGLVSGIGE(MSE)IDEQLRRFNARCHGL
V(MSE)GFPALVSKDKRTIISTPNLPLTAADLYDLADKLENTLNCPVEFSRDVNLQLSWDVVENRLTQQLVLAAYLGTG
(MSE)GFAVW(MSE)NGAPWTGAHGVAGELGHIPLGD(MSE)TQHCACGNPGCLETNCSG(MSE)ALRRWYEQQPRNYPL
RDLFVHAENAPFVQSLLENAARAIATSINLFDPDAVILGGGV(MSE)D(MSE)PAFPRETLVA(MSE)TQKYLRRPLPHQ
VVRFIAASSSDFNGAQGAAILAHQRFLPQFCAKAP
;
_entity_poly.pdbx_strand_id   A
#
# COMPACT_ATOMS: atom_id res chain seq x y z
N LYS A 4 -1.02 -33.24 3.46
CA LYS A 4 0.25 -32.50 3.75
C LYS A 4 -0.05 -31.22 4.54
N GLN A 5 0.38 -31.20 5.82
CA GLN A 5 0.23 -30.02 6.70
C GLN A 5 1.01 -28.79 6.19
N HIS A 6 0.50 -27.62 6.57
CA HIS A 6 1.08 -26.33 6.24
C HIS A 6 0.88 -25.38 7.40
N ASN A 7 1.94 -24.64 7.74
CA ASN A 7 1.87 -23.54 8.70
C ASN A 7 1.92 -22.31 7.83
N VAL A 8 0.91 -21.44 7.97
CA VAL A 8 0.83 -20.27 7.10
C VAL A 8 0.48 -18.99 7.85
N VAL A 9 0.65 -17.87 7.12
CA VAL A 9 0.20 -16.55 7.54
C VAL A 9 -0.69 -16.05 6.38
N ALA A 10 -1.66 -15.20 6.71
CA ALA A 10 -2.59 -14.62 5.75
C ALA A 10 -2.26 -13.14 5.54
N GLY A 11 -2.27 -12.74 4.27
CA GLY A 11 -2.12 -11.35 3.83
C GLY A 11 -3.37 -11.00 3.04
N VAL A 12 -4.11 -9.98 3.48
CA VAL A 12 -5.31 -9.49 2.80
C VAL A 12 -5.17 -7.99 2.49
N ASP A 13 -5.35 -7.60 1.22
CA ASP A 13 -5.44 -6.18 0.88
C ASP A 13 -6.89 -5.85 0.47
N GLY A 15 -9.79 -3.51 -0.96
CA GLY A 15 -10.10 -2.45 -1.92
C GLY A 15 -11.60 -2.20 -2.00
N ALA A 16 -11.95 -1.10 -2.70
CA ALA A 16 -13.33 -0.70 -2.88
C ALA A 16 -14.10 -1.68 -3.75
N THR A 17 -13.42 -2.24 -4.76
CA THR A 17 -14.01 -3.17 -5.72
C THR A 17 -13.58 -4.62 -5.54
N HIS A 18 -12.31 -4.83 -5.22
CA HIS A 18 -11.80 -6.17 -4.98
C HIS A 18 -11.04 -6.27 -3.65
N ILE A 19 -10.90 -7.50 -3.18
CA ILE A 19 -10.15 -7.87 -1.99
C ILE A 19 -9.16 -8.88 -2.51
N ARG A 20 -7.86 -8.69 -2.26
CA ARG A 20 -6.85 -9.68 -2.61
C ARG A 20 -6.43 -10.40 -1.33
N PHE A 21 -6.18 -11.69 -1.47
CA PHE A 21 -5.86 -12.56 -0.34
C PHE A 21 -4.76 -13.55 -0.74
N CYS A 22 -3.70 -13.58 0.06
CA CYS A 22 -2.53 -14.43 -0.13
CA CYS A 22 -2.56 -14.49 -0.15
C CYS A 22 -2.24 -15.28 1.11
N LEU A 23 -1.84 -16.56 0.90
CA LEU A 23 -1.37 -17.46 1.96
C LEU A 23 0.11 -17.73 1.64
N ARG A 24 0.95 -17.50 2.66
CA ARG A 24 2.39 -17.66 2.60
C ARG A 24 2.79 -18.68 3.67
N THR A 25 3.58 -19.69 3.30
CA THR A 25 4.03 -20.72 4.23
C THR A 25 5.13 -20.20 5.16
N ALA A 26 5.37 -20.92 6.27
CA ALA A 26 6.50 -20.62 7.21
C ALA A 26 7.85 -20.67 6.46
N GLU A 27 7.92 -21.50 5.42
CA GLU A 27 9.08 -21.63 4.56
C GLU A 27 9.27 -20.46 3.56
N GLY A 28 8.38 -19.46 3.57
CA GLY A 28 8.43 -18.31 2.66
C GLY A 28 7.88 -18.56 1.26
N GLU A 29 7.06 -19.61 1.10
CA GLU A 29 6.48 -19.97 -0.20
CA GLU A 29 6.47 -20.01 -0.19
C GLU A 29 5.07 -19.39 -0.31
N THR A 30 4.66 -18.96 -1.51
CA THR A 30 3.28 -18.43 -1.71
C THR A 30 2.50 -19.70 -1.98
N LEU A 31 1.59 -20.03 -1.09
CA LEU A 31 0.77 -21.23 -1.22
C LEU A 31 -0.49 -20.95 -2.06
N HIS A 32 -1.05 -19.74 -1.93
CA HIS A 32 -2.30 -19.38 -2.60
C HIS A 32 -2.50 -17.88 -2.71
N CYS A 33 -3.13 -17.45 -3.80
CA CYS A 33 -3.52 -16.07 -4.04
C CYS A 33 -4.88 -16.09 -4.69
N GLU A 34 -5.78 -15.21 -4.27
CA GLU A 34 -7.09 -15.08 -4.96
C GLU A 34 -7.59 -13.65 -4.88
N LYS A 35 -8.40 -13.28 -5.87
CA LYS A 35 -9.03 -11.98 -5.91
C LYS A 35 -10.53 -12.20 -5.91
N LYS A 36 -11.23 -11.55 -4.98
CA LYS A 36 -12.69 -11.60 -4.92
C LYS A 36 -13.26 -10.20 -4.99
N ARG A 37 -14.53 -10.09 -5.33
CA ARG A 37 -15.23 -8.81 -5.38
C ARG A 37 -15.63 -8.49 -3.93
N THR A 38 -15.34 -7.27 -3.48
CA THR A 38 -15.59 -6.84 -2.10
C THR A 38 -17.04 -7.05 -1.69
N ALA A 39 -17.97 -6.65 -2.56
CA ALA A 39 -19.43 -6.83 -2.38
C ALA A 39 -19.85 -8.26 -2.01
N GLU A 40 -19.21 -9.23 -2.67
CA GLU A 40 -19.48 -10.67 -2.49
C GLU A 40 -18.94 -11.13 -1.14
N VAL A 41 -17.71 -10.73 -0.82
CA VAL A 41 -17.06 -11.12 0.45
C VAL A 41 -17.86 -10.64 1.67
N ILE A 42 -18.40 -9.43 1.61
CA ILE A 42 -19.12 -8.85 2.75
C ILE A 42 -20.63 -9.12 2.83
N ALA A 43 -21.20 -9.77 1.79
CA ALA A 43 -22.62 -10.15 1.74
C ALA A 43 -23.09 -10.91 2.99
N PRO A 44 -22.29 -11.86 3.52
CA PRO A 44 -22.68 -12.50 4.78
C PRO A 44 -22.31 -11.72 6.06
N GLY A 45 -21.83 -10.48 5.93
CA GLY A 45 -21.26 -9.72 7.05
C GLY A 45 -19.75 -9.81 6.82
N LEU A 46 -19.04 -8.71 7.11
CA LEU A 46 -17.58 -8.63 6.85
C LEU A 46 -16.74 -9.70 7.58
N VAL A 47 -16.94 -9.88 8.88
CA VAL A 47 -16.20 -10.88 9.67
C VAL A 47 -16.45 -12.33 9.16
N SER A 48 -17.72 -12.67 8.96
CA SER A 48 -18.12 -13.99 8.42
CA SER A 48 -18.12 -13.99 8.43
C SER A 48 -17.54 -14.22 7.04
N GLY A 49 -17.56 -13.17 6.21
CA GLY A 49 -17.05 -13.21 4.84
C GLY A 49 -15.56 -13.47 4.73
N ILE A 50 -14.79 -12.70 5.49
CA ILE A 50 -13.34 -12.86 5.53
C ILE A 50 -12.98 -14.17 6.20
N GLY A 51 -13.66 -14.51 7.28
CA GLY A 51 -13.40 -15.73 8.01
C GLY A 51 -13.57 -16.93 7.12
N GLU A 52 -14.68 -16.97 6.37
CA GLU A 52 -14.95 -18.09 5.46
C GLU A 52 -14.06 -18.11 4.20
N ILE A 54 -10.92 -17.08 4.10
CA ILE A 54 -9.64 -17.63 4.58
C ILE A 54 -9.80 -19.10 4.96
N ASP A 55 -10.84 -19.45 5.73
CA ASP A 55 -10.99 -20.82 6.24
C ASP A 55 -11.20 -21.88 5.17
N GLU A 56 -11.92 -21.55 4.09
CA GLU A 56 -12.06 -22.46 2.94
C GLU A 56 -10.68 -22.86 2.36
N GLN A 57 -9.76 -21.90 2.27
CA GLN A 57 -8.39 -22.18 1.79
C GLN A 57 -7.55 -22.92 2.79
N LEU A 58 -7.69 -22.60 4.09
CA LEU A 58 -7.01 -23.38 5.15
C LEU A 58 -7.45 -24.86 5.13
N ARG A 59 -8.76 -25.08 4.99
CA ARG A 59 -9.32 -26.44 4.92
C ARG A 59 -8.80 -27.16 3.64
N ARG A 60 -8.86 -26.47 2.50
CA ARG A 60 -8.36 -26.97 1.23
C ARG A 60 -6.87 -27.40 1.30
N PHE A 61 -6.01 -26.52 1.82
CA PHE A 61 -4.57 -26.82 1.89
C PHE A 61 -4.13 -27.51 3.20
N ASN A 62 -5.08 -27.86 4.10
CA ASN A 62 -4.77 -28.42 5.42
C ASN A 62 -3.76 -27.53 6.14
N ALA A 63 -4.11 -26.26 6.25
CA ALA A 63 -3.23 -25.21 6.75
C ALA A 63 -3.64 -24.71 8.11
N ARG A 64 -2.63 -24.37 8.91
CA ARG A 64 -2.78 -23.74 10.22
C ARG A 64 -2.31 -22.30 10.04
N CYS A 65 -3.15 -21.36 10.42
CA CYS A 65 -2.86 -19.93 10.26
C CYS A 65 -2.34 -19.29 11.56
N HIS A 66 -1.11 -18.75 11.50
CA HIS A 66 -0.40 -18.13 12.64
C HIS A 66 -0.61 -16.61 12.74
N GLY A 67 -1.37 -16.02 11.81
CA GLY A 67 -1.64 -14.58 11.81
C GLY A 67 -2.12 -13.96 10.51
N LEU A 68 -2.76 -12.80 10.63
CA LEU A 68 -3.33 -12.05 9.51
C LEU A 68 -2.85 -10.64 9.58
N VAL A 69 -2.30 -10.10 8.47
CA VAL A 69 -2.08 -8.65 8.33
C VAL A 69 -3.07 -8.23 7.22
N GLY A 71 -4.66 -4.99 5.00
CA GLY A 71 -4.47 -3.65 4.49
C GLY A 71 -5.76 -2.90 4.24
N PHE A 72 -5.80 -1.60 4.56
CA PHE A 72 -6.94 -0.70 4.32
C PHE A 72 -6.51 0.64 3.73
N PRO A 73 -7.35 1.27 2.85
CA PRO A 73 -7.04 2.62 2.34
C PRO A 73 -7.56 3.60 3.39
N ALA A 74 -6.83 3.65 4.50
CA ALA A 74 -7.23 4.38 5.71
C ALA A 74 -6.08 4.45 6.69
N LEU A 75 -6.20 5.38 7.64
CA LEU A 75 -5.22 5.55 8.68
C LEU A 75 -5.47 4.44 9.71
N VAL A 76 -4.38 3.95 10.28
CA VAL A 76 -4.37 2.87 11.27
C VAL A 76 -3.61 3.34 12.52
N SER A 77 -4.12 2.96 13.68
CA SER A 77 -3.54 3.33 14.96
C SER A 77 -2.12 2.77 15.14
N LYS A 78 -1.41 3.35 16.09
CA LYS A 78 -0.04 2.96 16.42
C LYS A 78 0.06 1.46 16.73
N ASP A 79 -0.88 0.96 17.52
CA ASP A 79 -0.90 -0.48 17.89
C ASP A 79 -1.45 -1.44 16.80
N LYS A 80 -1.77 -0.89 15.61
CA LYS A 80 -2.23 -1.64 14.43
C LYS A 80 -3.55 -2.41 14.62
N ARG A 81 -4.37 -2.01 15.59
CA ARG A 81 -5.63 -2.69 15.86
C ARG A 81 -6.86 -1.89 15.55
N THR A 82 -6.73 -0.58 15.33
CA THR A 82 -7.88 0.31 15.11
C THR A 82 -7.69 1.15 13.84
N ILE A 83 -8.74 1.20 13.03
CA ILE A 83 -8.80 2.00 11.80
C ILE A 83 -9.29 3.38 12.28
N ILE A 84 -8.46 4.42 12.14
CA ILE A 84 -8.74 5.77 12.71
C ILE A 84 -9.14 6.87 11.69
N SER A 85 -9.37 6.50 10.44
CA SER A 85 -10.00 7.38 9.43
C SER A 85 -11.07 6.52 8.76
N THR A 86 -12.05 7.17 8.13
CA THR A 86 -13.12 6.46 7.42
C THR A 86 -12.53 6.02 6.07
N PRO A 87 -12.47 4.70 5.80
CA PRO A 87 -11.98 4.26 4.50
C PRO A 87 -13.07 4.39 3.43
N ASN A 88 -12.65 4.61 2.18
CA ASN A 88 -13.57 4.65 1.03
C ASN A 88 -13.73 3.20 0.53
N LEU A 89 -14.54 2.48 1.31
CA LEU A 89 -14.91 1.09 1.08
C LEU A 89 -16.41 1.05 1.35
N PRO A 90 -17.14 0.04 0.80
CA PRO A 90 -18.59 -0.07 1.07
C PRO A 90 -18.91 -0.80 2.40
N LEU A 91 -18.33 -0.31 3.50
CA LEU A 91 -18.49 -0.85 4.85
C LEU A 91 -19.16 0.20 5.75
N THR A 92 -19.90 -0.26 6.76
CA THR A 92 -20.57 0.62 7.71
C THR A 92 -19.59 0.96 8.83
N ALA A 93 -19.98 1.92 9.68
CA ALA A 93 -19.18 2.30 10.87
C ALA A 93 -19.16 1.12 11.85
N ALA A 94 -20.33 0.48 12.01
CA ALA A 94 -20.50 -0.73 12.82
C ALA A 94 -19.56 -1.89 12.42
N ASP A 95 -19.34 -2.08 11.11
CA ASP A 95 -18.44 -3.14 10.56
C ASP A 95 -16.98 -2.99 10.98
N LEU A 96 -16.49 -1.75 10.93
CA LEU A 96 -15.13 -1.45 11.34
C LEU A 96 -14.94 -1.49 12.86
N TYR A 97 -16.02 -1.34 13.63
CA TYR A 97 -15.95 -1.29 15.10
C TYR A 97 -15.56 -2.64 15.69
N ASP A 98 -14.48 -2.61 16.45
CA ASP A 98 -13.88 -3.75 17.10
C ASP A 98 -13.54 -4.89 16.10
N LEU A 99 -13.21 -4.52 14.86
CA LEU A 99 -12.92 -5.47 13.79
C LEU A 99 -11.75 -6.40 14.11
N ALA A 100 -10.67 -5.87 14.69
CA ALA A 100 -9.46 -6.66 15.00
C ALA A 100 -9.79 -7.79 15.97
N ASP A 101 -10.53 -7.49 17.06
CA ASP A 101 -10.95 -8.54 18.01
C ASP A 101 -11.92 -9.55 17.41
N LYS A 102 -12.87 -9.08 16.59
CA LYS A 102 -13.86 -9.97 15.98
C LYS A 102 -13.17 -10.94 15.01
N LEU A 103 -12.25 -10.39 14.19
CA LEU A 103 -11.46 -11.22 13.27
C LEU A 103 -10.57 -12.24 14.04
N GLU A 104 -9.95 -11.81 15.15
CA GLU A 104 -9.13 -12.73 15.97
C GLU A 104 -9.92 -13.89 16.53
N ASN A 105 -11.14 -13.62 16.99
CA ASN A 105 -12.00 -14.65 17.58
CA ASN A 105 -11.96 -14.67 17.60
C ASN A 105 -12.45 -15.66 16.52
N THR A 106 -12.80 -15.14 15.34
CA THR A 106 -13.26 -15.97 14.23
C THR A 106 -12.12 -16.78 13.60
N LEU A 107 -10.97 -16.14 13.34
CA LEU A 107 -9.79 -16.79 12.70
C LEU A 107 -8.84 -17.54 13.64
N ASN A 108 -8.95 -17.36 14.95
CA ASN A 108 -8.08 -18.04 15.94
C ASN A 108 -6.57 -17.79 15.74
N CYS A 109 -6.24 -16.54 15.46
CA CYS A 109 -4.87 -16.11 15.29
C CYS A 109 -4.80 -14.59 15.49
N PRO A 110 -3.59 -14.04 15.73
CA PRO A 110 -3.46 -12.59 15.84
C PRO A 110 -3.80 -11.88 14.53
N VAL A 111 -4.35 -10.68 14.68
CA VAL A 111 -4.74 -9.84 13.57
C VAL A 111 -4.18 -8.44 13.77
N GLU A 112 -3.49 -7.95 12.73
CA GLU A 112 -3.00 -6.60 12.67
C GLU A 112 -3.48 -5.94 11.38
N PHE A 113 -3.68 -4.62 11.47
CA PHE A 113 -4.08 -3.84 10.33
C PHE A 113 -2.91 -2.97 9.90
N SER A 114 -2.94 -2.61 8.62
CA SER A 114 -1.93 -1.75 8.07
C SER A 114 -2.53 -0.83 7.02
N ARG A 115 -1.98 0.37 6.90
CA ARG A 115 -2.35 1.28 5.83
C ARG A 115 -1.83 0.63 4.55
N ASP A 116 -2.67 0.69 3.51
CA ASP A 116 -2.37 0.06 2.22
C ASP A 116 -1.00 0.35 1.65
N VAL A 117 -0.54 1.60 1.74
CA VAL A 117 0.79 1.96 1.21
C VAL A 117 1.96 1.22 1.90
N ASN A 118 1.78 0.78 3.15
CA ASN A 118 2.83 -0.03 3.83
C ASN A 118 2.98 -1.43 3.24
N LEU A 119 1.87 -1.94 2.70
CA LEU A 119 1.84 -3.24 2.03
C LEU A 119 2.63 -3.16 0.72
N GLN A 120 2.38 -2.09 -0.05
CA GLN A 120 3.11 -1.86 -1.31
C GLN A 120 4.58 -1.63 -0.99
N LEU A 121 4.84 -0.78 0.01
CA LEU A 121 6.20 -0.52 0.53
C LEU A 121 6.96 -1.86 0.84
N SER A 122 6.31 -2.77 1.56
CA SER A 122 6.92 -4.04 1.98
C SER A 122 7.28 -4.94 0.81
N TRP A 123 6.35 -5.10 -0.13
CA TRP A 123 6.61 -5.83 -1.37
C TRP A 123 7.85 -5.23 -2.09
N ASP A 124 7.83 -3.91 -2.32
CA ASP A 124 8.90 -3.19 -3.00
C ASP A 124 10.26 -3.25 -2.28
N VAL A 125 10.24 -3.13 -0.95
CA VAL A 125 11.48 -3.23 -0.14
C VAL A 125 12.07 -4.65 -0.25
N VAL A 126 11.26 -5.68 0.01
CA VAL A 126 11.73 -7.09 -0.12
C VAL A 126 12.19 -7.45 -1.53
N GLU A 127 11.41 -7.08 -2.54
CA GLU A 127 11.78 -7.33 -3.95
C GLU A 127 13.05 -6.60 -4.40
N ASN A 128 13.31 -5.41 -3.85
CA ASN A 128 14.54 -4.67 -4.21
C ASN A 128 15.74 -4.94 -3.27
N ARG A 129 15.65 -5.93 -2.39
CA ARG A 129 16.75 -6.28 -1.47
C ARG A 129 17.14 -5.07 -0.57
N LEU A 130 16.13 -4.33 -0.09
CA LEU A 130 16.33 -3.13 0.74
C LEU A 130 15.93 -3.26 2.22
N THR A 131 15.67 -4.47 2.73
CA THR A 131 15.17 -4.65 4.12
C THR A 131 16.04 -4.08 5.24
N GLN A 132 17.35 -3.98 5.00
CA GLN A 132 18.31 -3.44 5.98
C GLN A 132 18.62 -1.94 5.80
N GLN A 133 17.93 -1.27 4.87
CA GLN A 133 18.15 0.17 4.56
C GLN A 133 17.03 1.05 5.12
N LEU A 134 17.25 2.37 5.03
CA LEU A 134 16.23 3.37 5.34
C LEU A 134 15.66 3.68 3.96
N VAL A 135 14.36 3.42 3.78
CA VAL A 135 13.69 3.56 2.48
C VAL A 135 12.41 4.38 2.63
N LEU A 136 12.23 5.27 1.68
CA LEU A 136 11.13 6.20 1.64
C LEU A 136 10.34 5.79 0.41
N ALA A 137 9.02 5.78 0.48
CA ALA A 137 8.21 5.50 -0.69
C ALA A 137 7.22 6.66 -0.89
N ALA A 138 7.06 7.11 -2.14
CA ALA A 138 6.05 8.14 -2.50
C ALA A 138 5.11 7.45 -3.47
N TYR A 139 3.83 7.33 -3.10
CA TYR A 139 2.81 6.64 -3.91
C TYR A 139 1.80 7.68 -4.36
N LEU A 140 1.90 8.13 -5.62
CA LEU A 140 1.00 9.15 -6.18
C LEU A 140 -0.25 8.46 -6.77
N GLY A 141 -1.35 8.50 -6.04
CA GLY A 141 -2.64 7.92 -6.49
C GLY A 141 -3.68 9.03 -6.42
N THR A 142 -4.88 8.71 -5.91
CA THR A 142 -5.97 9.72 -5.72
C THR A 142 -5.52 10.87 -4.80
N GLY A 143 -4.64 10.54 -3.85
CA GLY A 143 -3.93 11.50 -2.98
C GLY A 143 -2.44 11.12 -3.01
N GLY A 145 0.39 9.51 -1.29
CA GLY A 145 0.70 8.58 -0.20
C GLY A 145 2.21 8.44 -0.01
N PHE A 146 2.68 8.57 1.23
CA PHE A 146 4.07 8.41 1.57
CA PHE A 146 4.12 8.45 1.63
C PHE A 146 4.19 7.31 2.65
N ALA A 147 5.28 6.53 2.60
CA ALA A 147 5.56 5.45 3.54
C ALA A 147 7.06 5.36 3.84
N VAL A 148 7.39 4.86 5.03
CA VAL A 148 8.75 4.75 5.49
C VAL A 148 9.07 3.33 5.99
N TRP A 149 10.20 2.79 5.52
CA TRP A 149 10.75 1.51 5.97
C TRP A 149 11.97 1.89 6.79
N ASN A 151 14.53 0.28 10.25
CA ASN A 151 14.81 -0.77 11.26
C ASN A 151 14.10 -2.11 10.92
N GLY A 152 14.05 -2.43 9.63
CA GLY A 152 13.49 -3.68 9.14
C GLY A 152 11.99 -3.84 9.10
N ALA A 153 11.26 -2.73 9.10
CA ALA A 153 9.82 -2.77 9.14
C ALA A 153 9.21 -1.44 8.75
N PRO A 154 7.89 -1.43 8.43
CA PRO A 154 7.29 -0.12 8.18
C PRO A 154 7.30 0.72 9.47
N TRP A 155 7.53 2.02 9.32
CA TRP A 155 7.67 2.99 10.42
C TRP A 155 6.47 3.94 10.34
N THR A 156 5.77 4.09 11.46
CA THR A 156 4.50 4.83 11.47
C THR A 156 4.43 6.06 12.39
N GLY A 157 5.54 6.44 13.03
CA GLY A 157 5.60 7.57 13.94
C GLY A 157 5.03 7.25 15.30
N ALA A 158 4.85 8.28 16.11
CA ALA A 158 4.39 8.13 17.50
C ALA A 158 2.94 7.68 17.65
N HIS A 159 2.07 8.17 16.76
CA HIS A 159 0.62 7.87 16.79
C HIS A 159 0.11 7.03 15.61
N GLY A 160 1.02 6.44 14.83
CA GLY A 160 0.67 5.61 13.68
C GLY A 160 0.38 6.33 12.35
N VAL A 161 0.42 7.66 12.35
CA VAL A 161 0.06 8.48 11.19
C VAL A 161 1.23 9.23 10.50
N ALA A 162 2.46 8.73 10.66
CA ALA A 162 3.61 9.33 9.95
C ALA A 162 3.40 9.21 8.44
N GLY A 163 3.96 10.15 7.71
CA GLY A 163 3.91 10.15 6.27
C GLY A 163 2.68 10.73 5.60
N GLU A 164 2.06 11.72 6.22
CA GLU A 164 0.93 12.43 5.61
C GLU A 164 1.52 13.69 4.93
N GLU A 186 -0.81 19.29 -3.15
CA GLU A 186 -1.19 18.05 -2.47
C GLU A 186 -2.72 17.90 -2.39
N THR A 187 -3.42 19.04 -2.40
CA THR A 187 -4.85 19.11 -2.69
C THR A 187 -4.79 19.12 -4.24
N ASN A 188 -4.06 20.11 -4.81
CA ASN A 188 -3.75 20.25 -6.26
C ASN A 188 -2.46 19.51 -6.77
N CYS A 189 -2.10 18.38 -6.13
CA CYS A 189 -0.99 17.48 -6.54
C CYS A 189 -1.37 16.03 -6.17
N SER A 190 -2.28 15.47 -6.97
CA SER A 190 -2.85 14.16 -6.73
C SER A 190 -3.69 13.70 -7.92
N GLY A 191 -4.18 12.45 -7.84
CA GLY A 191 -5.11 11.88 -8.81
C GLY A 191 -6.42 12.66 -8.86
N ALA A 193 -6.82 15.85 -8.02
CA ALA A 193 -6.51 17.17 -8.62
C ALA A 193 -6.49 17.07 -10.15
N LEU A 194 -5.88 16.00 -10.67
CA LEU A 194 -5.86 15.74 -12.12
C LEU A 194 -7.28 15.50 -12.65
N ARG A 195 -8.08 14.72 -11.91
CA ARG A 195 -9.48 14.43 -12.28
C ARG A 195 -10.26 15.75 -12.37
N ARG A 196 -10.16 16.56 -11.31
CA ARG A 196 -10.87 17.83 -11.24
C ARG A 196 -10.47 18.81 -12.36
N TRP A 197 -9.19 18.84 -12.73
CA TRP A 197 -8.69 19.64 -13.87
C TRP A 197 -9.26 19.13 -15.20
N TYR A 198 -9.20 17.81 -15.39
CA TYR A 198 -9.72 17.13 -16.59
C TYR A 198 -11.21 17.50 -16.83
N GLU A 199 -11.97 17.45 -15.74
CA GLU A 199 -13.41 17.71 -15.73
C GLU A 199 -13.86 19.14 -15.99
N GLN A 200 -12.93 20.11 -15.98
CA GLN A 200 -13.23 21.55 -16.22
C GLN A 200 -13.98 21.86 -17.52
N GLN A 201 -13.68 21.08 -18.57
CA GLN A 201 -14.30 21.23 -19.88
C GLN A 201 -14.20 19.92 -20.67
N PRO A 202 -15.03 19.75 -21.71
CA PRO A 202 -14.94 18.50 -22.51
C PRO A 202 -13.55 18.31 -23.16
N ARG A 203 -13.06 17.06 -23.13
CA ARG A 203 -11.76 16.66 -23.67
C ARG A 203 -11.93 15.64 -24.81
N ASN A 204 -11.08 15.72 -25.84
CA ASN A 204 -11.06 14.75 -26.97
C ASN A 204 -10.49 13.37 -26.64
N TYR A 205 -9.92 13.20 -25.44
CA TYR A 205 -9.25 11.98 -24.99
C TYR A 205 -9.79 11.59 -23.62
N PRO A 206 -9.73 10.30 -23.28
CA PRO A 206 -10.18 9.88 -21.96
C PRO A 206 -9.21 10.28 -20.84
N LEU A 207 -9.72 10.35 -19.61
CA LEU A 207 -8.92 10.73 -18.44
C LEU A 207 -7.64 9.90 -18.27
N ARG A 208 -7.76 8.59 -18.49
CA ARG A 208 -6.62 7.66 -18.35
C ARG A 208 -5.44 8.01 -19.30
N ASP A 209 -5.75 8.61 -20.45
CA ASP A 209 -4.74 9.09 -21.46
C ASP A 209 -4.26 10.56 -21.30
N LEU A 210 -4.54 11.19 -20.14
CA LEU A 210 -4.15 12.60 -19.83
C LEU A 210 -2.67 12.92 -20.12
N PHE A 211 -1.75 12.07 -19.67
CA PHE A 211 -0.31 12.31 -19.92
C PHE A 211 0.12 12.13 -21.37
N VAL A 212 -0.61 11.35 -22.17
CA VAL A 212 -0.30 11.18 -23.62
C VAL A 212 -0.53 12.53 -24.38
N HIS A 213 -1.63 13.22 -24.04
CA HIS A 213 -2.07 14.46 -24.71
C HIS A 213 -1.86 15.77 -23.95
N ALA A 214 -1.77 15.71 -22.61
CA ALA A 214 -1.67 16.91 -21.75
C ALA A 214 -0.45 17.00 -20.83
N GLU A 215 0.61 16.21 -21.11
CA GLU A 215 1.85 16.26 -20.28
C GLU A 215 2.40 17.71 -20.10
N ASN A 216 2.29 18.48 -21.19
CA ASN A 216 2.79 19.85 -21.25
C ASN A 216 1.74 20.90 -20.93
N ALA A 217 0.55 20.50 -20.47
CA ALA A 217 -0.45 21.47 -20.01
C ALA A 217 0.17 22.20 -18.81
N PRO A 218 0.10 23.56 -18.81
CA PRO A 218 0.70 24.32 -17.67
C PRO A 218 0.34 23.82 -16.25
N PHE A 219 -0.92 23.46 -16.06
CA PHE A 219 -1.42 22.89 -14.81
C PHE A 219 -0.77 21.53 -14.48
N VAL A 220 -0.61 20.67 -15.50
CA VAL A 220 -0.01 19.31 -15.33
C VAL A 220 1.50 19.41 -14.97
N GLN A 221 2.21 20.33 -15.61
CA GLN A 221 3.61 20.62 -15.28
C GLN A 221 3.77 21.19 -13.86
N SER A 222 2.85 22.07 -13.44
CA SER A 222 2.80 22.56 -12.04
C SER A 222 2.56 21.44 -11.02
N LEU A 223 1.69 20.48 -11.37
CA LEU A 223 1.46 19.29 -10.53
C LEU A 223 2.72 18.43 -10.39
N LEU A 224 3.39 18.16 -11.51
CA LEU A 224 4.65 17.40 -11.49
C LEU A 224 5.76 18.13 -10.66
N GLU A 225 5.87 19.46 -10.82
CA GLU A 225 6.84 20.28 -10.04
C GLU A 225 6.53 20.22 -8.54
N ASN A 226 5.25 20.31 -8.19
CA ASN A 226 4.80 20.19 -6.81
C ASN A 226 5.12 18.87 -6.17
N ALA A 227 4.80 17.79 -6.88
CA ALA A 227 5.08 16.40 -6.46
C ALA A 227 6.56 16.28 -6.23
N ALA A 228 7.35 16.82 -7.15
CA ALA A 228 8.82 16.86 -7.06
C ALA A 228 9.32 17.59 -5.79
N ARG A 229 8.73 18.74 -5.49
CA ARG A 229 9.10 19.49 -4.29
C ARG A 229 8.78 18.72 -3.02
N ALA A 230 7.61 18.10 -3.00
CA ALA A 230 7.16 17.29 -1.87
C ALA A 230 8.09 16.10 -1.65
N ILE A 231 8.43 15.40 -2.72
CA ILE A 231 9.29 14.20 -2.64
C ILE A 231 10.68 14.59 -2.16
N ALA A 232 11.22 15.66 -2.75
CA ALA A 232 12.51 16.21 -2.38
C ALA A 232 12.57 16.68 -0.93
N THR A 233 11.48 17.30 -0.42
CA THR A 233 11.34 17.73 0.98
C THR A 233 11.49 16.52 1.91
N SER A 234 10.75 15.45 1.61
CA SER A 234 10.78 14.21 2.41
CA SER A 234 10.78 14.22 2.40
C SER A 234 12.17 13.57 2.41
N ILE A 235 12.83 13.59 1.26
CA ILE A 235 14.19 13.03 1.11
C ILE A 235 15.22 13.83 1.92
N ASN A 236 15.14 15.16 1.84
CA ASN A 236 16.04 16.04 2.62
C ASN A 236 15.87 15.89 4.12
N LEU A 237 14.65 15.60 4.58
CA LEU A 237 14.38 15.40 6.01
C LEU A 237 14.72 14.00 6.54
N PHE A 238 14.38 12.94 5.82
CA PHE A 238 14.71 11.57 6.27
C PHE A 238 16.15 11.15 5.89
N ASP A 239 16.70 11.69 4.81
CA ASP A 239 18.04 11.28 4.30
C ASP A 239 18.10 9.70 4.13
N PRO A 240 17.16 9.14 3.33
CA PRO A 240 17.09 7.71 3.14
C PRO A 240 18.21 7.18 2.23
N ASP A 241 18.41 5.87 2.27
CA ASP A 241 19.31 5.18 1.34
C ASP A 241 18.65 5.16 -0.03
N ALA A 242 17.33 5.01 -0.07
CA ALA A 242 16.61 4.85 -1.31
C ALA A 242 15.17 5.40 -1.27
N VAL A 243 14.64 5.72 -2.44
CA VAL A 243 13.28 6.24 -2.61
C VAL A 243 12.55 5.43 -3.68
N ILE A 244 11.40 4.87 -3.34
CA ILE A 244 10.57 4.10 -4.24
C ILE A 244 9.46 5.05 -4.72
N LEU A 245 9.37 5.26 -6.03
CA LEU A 245 8.32 6.11 -6.60
C LEU A 245 7.30 5.24 -7.30
N GLY A 246 6.02 5.47 -7.01
CA GLY A 246 4.95 4.73 -7.66
C GLY A 246 3.58 5.37 -7.43
N GLY A 247 2.55 4.53 -7.42
CA GLY A 247 1.15 4.96 -7.27
C GLY A 247 0.41 4.81 -8.58
N GLY A 248 -0.93 4.77 -8.51
CA GLY A 248 -1.80 4.62 -9.70
C GLY A 248 -1.63 5.68 -10.78
N VAL A 249 -1.26 6.90 -10.39
CA VAL A 249 -0.99 7.99 -11.32
C VAL A 249 0.25 7.68 -12.15
N ASP A 251 1.21 4.71 -13.02
CA ASP A 251 0.85 3.61 -13.93
C ASP A 251 0.09 4.09 -15.19
N PRO A 253 -0.75 5.72 -18.78
CA PRO A 253 0.04 5.77 -20.01
C PRO A 253 0.81 7.08 -20.21
N ALA A 254 2.09 6.95 -20.57
CA ALA A 254 2.95 8.08 -20.82
C ALA A 254 3.31 8.93 -19.59
N PHE A 255 3.05 8.47 -18.36
CA PHE A 255 3.44 9.23 -17.15
C PHE A 255 4.96 9.49 -17.22
N PRO A 256 5.38 10.78 -17.10
CA PRO A 256 6.80 11.13 -17.26
C PRO A 256 7.64 10.92 -15.98
N ARG A 257 7.92 9.64 -15.68
CA ARG A 257 8.70 9.23 -14.49
C ARG A 257 10.11 9.88 -14.46
N GLU A 258 10.76 9.88 -15.62
CA GLU A 258 12.10 10.48 -15.77
C GLU A 258 12.09 11.99 -15.52
N THR A 259 11.05 12.69 -16.00
CA THR A 259 10.93 14.14 -15.74
C THR A 259 10.73 14.40 -14.23
N LEU A 260 9.87 13.60 -13.57
CA LEU A 260 9.62 13.75 -12.12
C LEU A 260 10.89 13.48 -11.32
N VAL A 261 11.64 12.42 -11.64
CA VAL A 261 12.92 12.13 -10.95
C VAL A 261 13.92 13.29 -11.13
N ALA A 262 14.07 13.79 -12.37
CA ALA A 262 14.96 14.93 -12.69
C ALA A 262 14.51 16.22 -11.96
N THR A 264 12.84 16.33 -9.08
CA THR A 264 13.13 16.08 -7.64
C THR A 264 14.62 16.30 -7.32
N GLN A 265 15.50 15.81 -8.21
CA GLN A 265 16.95 15.95 -8.05
C GLN A 265 17.46 17.39 -8.03
N LYS A 266 16.72 18.30 -8.67
CA LYS A 266 17.05 19.74 -8.61
C LYS A 266 17.05 20.28 -7.18
N TYR A 267 16.16 19.73 -6.32
CA TYR A 267 15.97 20.20 -4.94
C TYR A 267 16.73 19.42 -3.87
N LEU A 268 17.53 18.43 -4.24
CA LEU A 268 18.27 17.63 -3.26
C LEU A 268 19.58 18.32 -2.91
N ARG A 269 19.84 18.46 -1.59
CA ARG A 269 21.07 19.07 -1.06
C ARG A 269 22.28 18.30 -1.60
N ARG A 270 23.27 19.00 -2.15
CA ARG A 270 24.52 18.42 -2.72
C ARG A 270 25.73 18.81 -1.81
N PRO A 271 26.76 17.94 -1.67
CA PRO A 271 26.96 16.59 -2.26
C PRO A 271 25.98 15.51 -1.77
N LEU A 272 25.67 15.48 -0.46
CA LEU A 272 24.70 14.53 0.15
C LEU A 272 23.42 15.27 0.64
N PRO A 273 22.20 14.69 0.44
CA PRO A 273 21.82 13.38 -0.17
C PRO A 273 21.72 13.25 -1.73
N HIS A 274 22.06 14.30 -2.50
CA HIS A 274 21.99 14.30 -3.99
C HIS A 274 22.80 13.17 -4.66
N GLN A 275 24.09 13.09 -4.32
CA GLN A 275 25.00 12.10 -4.93
C GLN A 275 24.85 10.64 -4.45
N VAL A 276 24.03 10.35 -3.42
CA VAL A 276 23.96 8.97 -2.88
C VAL A 276 22.54 8.32 -2.81
N VAL A 277 21.44 9.10 -2.80
CA VAL A 277 20.07 8.53 -2.76
C VAL A 277 19.68 7.83 -4.10
N ARG A 278 19.26 6.56 -4.00
CA ARG A 278 18.89 5.76 -5.18
C ARG A 278 17.36 5.78 -5.39
N PHE A 279 16.94 5.99 -6.64
CA PHE A 279 15.53 6.04 -7.05
C PHE A 279 15.12 4.69 -7.66
N ILE A 280 14.02 4.12 -7.18
CA ILE A 280 13.47 2.82 -7.63
C ILE A 280 12.01 3.04 -8.07
N ALA A 281 11.63 2.38 -9.18
CA ALA A 281 10.27 2.44 -9.71
C ALA A 281 9.55 1.34 -8.97
N ALA A 282 8.40 1.67 -8.39
CA ALA A 282 7.58 0.68 -7.66
C ALA A 282 7.07 -0.39 -8.61
N SER A 283 6.89 -1.59 -8.06
CA SER A 283 6.32 -2.69 -8.80
C SER A 283 4.81 -2.47 -8.79
N SER A 284 4.16 -2.71 -9.92
CA SER A 284 2.71 -2.60 -10.05
C SER A 284 2.20 -3.94 -10.59
N SER A 285 1.66 -4.75 -9.69
CA SER A 285 1.13 -6.04 -10.05
C SER A 285 -0.04 -6.35 -9.10
N ASP A 286 -0.94 -7.18 -9.59
CA ASP A 286 -2.22 -7.47 -8.93
C ASP A 286 -2.12 -7.85 -7.44
N PHE A 287 -1.27 -8.84 -7.13
CA PHE A 287 -1.12 -9.39 -5.77
C PHE A 287 0.00 -8.81 -4.91
N ASN A 288 0.71 -7.77 -5.39
CA ASN A 288 1.80 -7.16 -4.58
C ASN A 288 1.37 -6.74 -3.18
N GLY A 289 0.21 -6.06 -3.09
CA GLY A 289 -0.34 -5.60 -1.85
C GLY A 289 -0.68 -6.72 -0.87
N ALA A 290 -1.41 -7.73 -1.35
CA ALA A 290 -1.74 -8.92 -0.52
C ALA A 290 -0.48 -9.68 -0.08
N GLN A 291 0.47 -9.79 -1.00
CA GLN A 291 1.77 -10.42 -0.73
C GLN A 291 2.57 -9.63 0.29
N GLY A 292 2.51 -8.30 0.20
CA GLY A 292 3.16 -7.40 1.14
C GLY A 292 2.65 -7.66 2.54
N ALA A 293 1.32 -7.76 2.65
CA ALA A 293 0.66 -8.10 3.90
C ALA A 293 1.12 -9.45 4.42
N ALA A 294 1.23 -10.45 3.55
CA ALA A 294 1.72 -11.80 3.92
C ALA A 294 3.16 -11.76 4.45
N ILE A 295 4.02 -10.98 3.78
CA ILE A 295 5.44 -10.76 4.21
C ILE A 295 5.48 -10.12 5.61
N LEU A 296 4.65 -9.10 5.87
CA LEU A 296 4.57 -8.49 7.19
C LEU A 296 4.05 -9.49 8.23
N ALA A 297 3.05 -10.30 7.88
CA ALA A 297 2.48 -11.31 8.78
C ALA A 297 3.52 -12.37 9.16
N HIS A 298 4.30 -12.79 8.15
CA HIS A 298 5.39 -13.73 8.32
C HIS A 298 6.42 -13.16 9.33
N GLN A 299 6.84 -11.90 9.13
CA GLN A 299 7.79 -11.23 10.04
C GLN A 299 7.27 -11.10 11.46
N ARG A 300 5.99 -10.78 11.60
CA ARG A 300 5.40 -10.57 12.92
C ARG A 300 4.98 -11.83 13.64
N PHE A 301 4.51 -12.82 12.91
CA PHE A 301 3.95 -14.05 13.50
C PHE A 301 4.72 -15.35 13.29
N LEU A 302 5.79 -15.31 12.49
CA LEU A 302 6.71 -16.47 12.30
C LEU A 302 8.19 -15.92 12.48
N PRO A 303 9.27 -16.73 12.28
CA PRO A 303 9.50 -18.14 11.90
C PRO A 303 9.35 -19.09 13.09
#